data_2XHS
#
_entry.id   2XHS
#
_cell.length_a   97.931
_cell.length_b   97.931
_cell.length_c   123.466
_cell.angle_alpha   90.00
_cell.angle_beta   90.00
_cell.angle_gamma   120.00
#
_symmetry.space_group_name_H-M   'P 31 2 1'
#
loop_
_entity.id
_entity.type
_entity.pdbx_description
1 polymer 'NUCLEAR HORMONE RECEPTOR FTZ-F1'
2 polymer 'SEGMENTATION PROTEIN FUSHI TARAZU'
3 water water
#
loop_
_entity_poly.entity_id
_entity_poly.type
_entity_poly.pdbx_seq_one_letter_code
_entity_poly.pdbx_strand_id
1 'polypeptide(L)'
;GSH(MSE)LEDPLRVSP(MSE)IREFVQSIDDREWQTQLFALLQKQTYNQVEVDLFEL(MSE)CKVLDQNLFSQVDWARN
TVFFKDLKVDDQ(MSE)KLLQHSWSD(MSE)LVLDHLHHRIHNGLPDETQLNNGQVFNL(MSE)SLGLLGVPQLGDYFNE
LQNKLQDLKFD(MSE)GDYVC(MSE)KFLILLNPSVRGIVNRKTVSEGHDNVQAALLDYTLTCYPSVNDKFRGLVNILPE
IHA(MSE)AVRGEDHLYTKHCAGSAPTQTLL(MSE)E(MSE)LHAKRKG
;
A
2 'polypeptide(L)' STLRALLTN B
#
# COMPACT_ATOMS: atom_id res chain seq x y z
N GLY A 1 1.71 -19.59 -6.50
CA GLY A 1 2.96 -19.54 -5.78
C GLY A 1 3.43 -18.13 -5.63
N SER A 2 3.17 -17.34 -6.64
CA SER A 2 3.47 -15.93 -6.60
C SER A 2 2.61 -15.25 -5.56
N HIS A 3 1.33 -15.57 -5.57
CA HIS A 3 0.39 -15.05 -4.62
C HIS A 3 0.34 -15.96 -3.43
N LEU A 5 2.82 -18.60 -0.69
CA LEU A 5 4.11 -18.78 -0.10
C LEU A 5 4.81 -19.95 -0.74
N GLU A 6 6.10 -19.82 -0.92
CA GLU A 6 6.88 -20.77 -1.67
C GLU A 6 7.07 -22.15 -1.07
N ASP A 7 7.67 -22.25 0.08
CA ASP A 7 7.89 -23.57 0.61
C ASP A 7 7.39 -23.62 2.01
N PRO A 8 6.08 -23.65 2.14
CA PRO A 8 5.42 -23.28 3.38
C PRO A 8 6.08 -24.09 4.45
N LEU A 9 6.62 -25.23 4.09
CA LEU A 9 7.27 -26.05 5.08
C LEU A 9 8.45 -25.33 5.66
N ARG A 10 9.09 -24.53 4.87
CA ARG A 10 10.28 -23.83 5.30
C ARG A 10 10.14 -22.37 5.68
N VAL A 11 8.95 -21.89 5.87
CA VAL A 11 8.70 -20.50 6.19
C VAL A 11 8.58 -20.25 7.68
N SER A 12 9.04 -19.10 8.12
CA SER A 12 8.94 -18.74 9.51
C SER A 12 7.54 -18.47 9.86
N PRO A 13 7.25 -18.64 11.12
CA PRO A 13 5.94 -18.40 11.66
C PRO A 13 5.56 -16.97 11.54
N ILE A 15 6.30 -14.78 9.36
CA ILE A 15 5.84 -14.54 8.03
C ILE A 15 4.52 -15.16 7.73
N ARG A 16 4.28 -16.32 8.27
CA ARG A 16 3.03 -16.94 8.05
C ARG A 16 2.00 -16.07 8.64
N GLU A 17 2.30 -15.54 9.80
CA GLU A 17 1.39 -14.67 10.51
C GLU A 17 1.10 -13.39 9.80
N PHE A 18 2.10 -12.86 9.14
CA PHE A 18 1.93 -11.70 8.33
C PHE A 18 1.03 -11.99 7.18
N VAL A 19 1.19 -13.12 6.57
CA VAL A 19 0.35 -13.38 5.45
C VAL A 19 -1.06 -13.61 5.87
N GLN A 20 -1.23 -13.84 7.15
CA GLN A 20 -2.51 -14.04 7.76
C GLN A 20 -3.34 -12.80 7.72
N SER A 21 -2.67 -11.69 7.81
CA SER A 21 -3.30 -10.42 7.97
C SER A 21 -3.77 -9.85 6.68
N ILE A 22 -3.54 -10.55 5.61
CA ILE A 22 -3.96 -10.06 4.33
C ILE A 22 -5.16 -10.81 3.84
N ASP A 23 -6.22 -10.09 3.52
CA ASP A 23 -7.30 -10.70 2.81
C ASP A 23 -7.39 -9.99 1.49
N ASP A 24 -6.81 -10.58 0.46
CA ASP A 24 -6.84 -9.99 -0.84
C ASP A 24 -8.27 -9.93 -1.28
N ARG A 25 -9.03 -10.92 -0.92
CA ARG A 25 -10.38 -10.97 -1.41
C ARG A 25 -11.21 -9.81 -0.97
N GLU A 26 -11.04 -9.43 0.27
CA GLU A 26 -11.77 -8.34 0.82
C GLU A 26 -11.42 -7.09 0.07
N TRP A 27 -10.16 -6.96 -0.26
CA TRP A 27 -9.73 -5.77 -0.95
C TRP A 27 -10.36 -5.61 -2.28
N GLN A 28 -10.33 -6.62 -3.10
CA GLN A 28 -10.99 -6.56 -4.38
C GLN A 28 -12.48 -6.45 -4.20
N THR A 29 -13.02 -7.13 -3.22
CA THR A 29 -14.43 -7.05 -3.05
C THR A 29 -14.84 -5.66 -2.71
N GLN A 30 -14.14 -5.08 -1.78
CA GLN A 30 -14.45 -3.76 -1.34
C GLN A 30 -14.31 -2.84 -2.50
N LEU A 31 -13.36 -3.10 -3.36
CA LEU A 31 -13.14 -2.17 -4.42
C LEU A 31 -14.25 -2.07 -5.41
N PHE A 32 -14.64 -3.19 -5.97
CA PHE A 32 -15.71 -3.20 -6.93
C PHE A 32 -17.04 -2.88 -6.32
N ALA A 33 -17.19 -3.16 -5.05
CA ALA A 33 -18.42 -2.86 -4.39
C ALA A 33 -18.69 -1.39 -4.36
N LEU A 34 -17.69 -0.61 -4.00
CA LEU A 34 -17.80 0.82 -3.98
C LEU A 34 -18.00 1.29 -5.38
N LEU A 35 -17.26 0.74 -6.30
CA LEU A 35 -17.36 1.20 -7.65
C LEU A 35 -18.74 0.96 -8.17
N GLN A 36 -19.32 -0.18 -7.87
CA GLN A 36 -20.66 -0.41 -8.32
C GLN A 36 -21.62 0.51 -7.63
N LYS A 37 -21.52 0.62 -6.35
CA LYS A 37 -22.45 1.45 -5.63
C LYS A 37 -22.36 2.88 -6.07
N GLN A 38 -21.17 3.35 -6.34
CA GLN A 38 -21.04 4.73 -6.71
C GLN A 38 -21.52 5.05 -8.08
N THR A 39 -21.69 4.05 -8.90
CA THR A 39 -21.99 4.36 -10.27
C THR A 39 -23.32 3.89 -10.81
N TYR A 40 -23.92 2.89 -10.22
CA TYR A 40 -25.15 2.41 -10.80
C TYR A 40 -26.23 3.45 -10.71
N ASN A 41 -27.05 3.52 -11.73
CA ASN A 41 -28.10 4.50 -11.76
C ASN A 41 -27.59 5.91 -11.72
N GLN A 42 -26.43 6.16 -12.26
CA GLN A 42 -25.94 7.53 -12.31
C GLN A 42 -25.52 7.83 -13.70
N VAL A 43 -26.00 8.91 -14.28
CA VAL A 43 -25.64 9.18 -15.65
C VAL A 43 -24.16 9.44 -15.84
N GLU A 44 -23.59 10.31 -15.04
CA GLU A 44 -22.17 10.55 -15.15
C GLU A 44 -21.65 10.90 -13.80
N VAL A 45 -20.38 10.62 -13.59
CA VAL A 45 -19.75 10.82 -12.32
C VAL A 45 -18.42 11.42 -12.61
N ASP A 46 -17.79 12.03 -11.63
CA ASP A 46 -16.51 12.62 -11.83
C ASP A 46 -15.57 11.52 -11.53
N LEU A 47 -14.86 11.10 -12.54
CA LEU A 47 -13.96 10.00 -12.39
C LEU A 47 -12.84 10.29 -11.45
N PHE A 48 -12.36 11.52 -11.43
CA PHE A 48 -11.31 11.83 -10.53
C PHE A 48 -11.80 11.73 -9.13
N GLU A 49 -12.99 12.20 -8.88
CA GLU A 49 -13.51 12.13 -7.54
C GLU A 49 -13.64 10.72 -7.08
N LEU A 50 -14.02 9.84 -7.97
CA LEU A 50 -14.23 8.44 -7.67
C LEU A 50 -12.95 7.78 -7.26
N CYS A 52 -10.57 9.06 -5.88
CA CYS A 52 -10.33 9.56 -4.55
C CYS A 52 -11.14 8.83 -3.54
N LYS A 53 -12.34 8.46 -3.92
CA LYS A 53 -13.20 7.73 -3.04
C LYS A 53 -12.64 6.40 -2.72
N VAL A 54 -12.07 5.77 -3.72
CA VAL A 54 -11.46 4.49 -3.58
C VAL A 54 -10.28 4.59 -2.69
N LEU A 55 -9.46 5.58 -2.93
CA LEU A 55 -8.28 5.81 -2.15
C LEU A 55 -8.63 6.11 -0.74
N ASP A 56 -9.69 6.84 -0.54
CA ASP A 56 -10.09 7.14 0.78
C ASP A 56 -10.40 5.85 1.49
N GLN A 57 -11.13 4.98 0.85
CA GLN A 57 -11.49 3.75 1.46
C GLN A 57 -10.27 2.94 1.75
N ASN A 58 -9.32 2.99 0.85
CA ASN A 58 -8.15 2.19 0.97
C ASN A 58 -7.43 2.58 2.20
N LEU A 59 -7.43 3.86 2.46
CA LEU A 59 -6.73 4.36 3.60
C LEU A 59 -7.32 3.83 4.84
N PHE A 60 -8.62 3.73 4.91
CA PHE A 60 -9.25 3.25 6.10
C PHE A 60 -8.82 1.86 6.34
N SER A 61 -8.82 1.09 5.30
CA SER A 61 -8.42 -0.29 5.42
C SER A 61 -6.98 -0.38 5.79
N GLN A 62 -6.18 0.55 5.31
CA GLN A 62 -4.78 0.57 5.61
C GLN A 62 -4.55 0.77 7.07
N VAL A 63 -5.29 1.69 7.61
CA VAL A 63 -5.22 1.98 9.01
C VAL A 63 -5.69 0.80 9.80
N ASP A 64 -6.71 0.15 9.35
CA ASP A 64 -7.21 -0.97 10.09
C ASP A 64 -6.18 -2.03 10.15
N TRP A 65 -5.45 -2.24 9.08
CA TRP A 65 -4.45 -3.26 9.03
C TRP A 65 -3.32 -3.00 9.98
N ALA A 66 -2.83 -1.79 9.99
CA ALA A 66 -1.72 -1.40 10.82
C ALA A 66 -2.06 -1.51 12.26
N ARG A 67 -3.30 -1.22 12.53
CA ARG A 67 -3.77 -1.21 13.86
C ARG A 67 -3.68 -2.53 14.51
N ASN A 68 -3.99 -3.57 13.77
CA ASN A 68 -4.04 -4.90 14.28
C ASN A 68 -2.72 -5.56 14.17
N THR A 69 -1.76 -4.81 13.68
CA THR A 69 -0.43 -5.27 13.52
C THR A 69 0.23 -5.53 14.83
N VAL A 70 1.09 -6.51 14.83
CA VAL A 70 1.70 -6.91 16.06
C VAL A 70 2.52 -5.79 16.62
N PHE A 71 3.28 -5.12 15.78
CA PHE A 71 4.12 -4.04 16.23
C PHE A 71 3.43 -2.78 16.69
N PHE A 72 2.37 -2.41 16.01
CA PHE A 72 1.65 -1.23 16.36
C PHE A 72 1.06 -1.38 17.71
N LYS A 73 0.75 -2.58 18.08
CA LYS A 73 0.04 -2.81 19.30
C LYS A 73 0.83 -2.23 20.44
N ASP A 74 2.13 -2.25 20.29
CA ASP A 74 3.02 -1.85 21.34
C ASP A 74 3.32 -0.40 21.22
N LEU A 75 2.51 0.28 20.45
CA LEU A 75 2.81 1.64 20.14
C LEU A 75 1.71 2.57 20.52
N LYS A 76 2.09 3.77 20.88
CA LYS A 76 1.13 4.79 21.19
C LYS A 76 0.58 5.46 19.96
N VAL A 77 -0.59 6.01 20.09
CA VAL A 77 -1.26 6.51 18.95
C VAL A 77 -0.49 7.59 18.32
N ASP A 78 0.13 8.44 19.09
CA ASP A 78 0.78 9.55 18.46
C ASP A 78 1.81 9.02 17.54
N ASP A 79 2.52 8.02 17.99
CA ASP A 79 3.54 7.39 17.20
C ASP A 79 2.99 6.66 16.00
N GLN A 80 1.90 5.96 16.18
CA GLN A 80 1.29 5.25 15.10
C GLN A 80 0.84 6.22 14.06
N LYS A 82 1.99 9.07 13.27
CA LYS A 82 3.09 9.59 12.50
C LYS A 82 3.61 8.64 11.47
N LEU A 83 3.66 7.37 11.81
CA LEU A 83 4.13 6.38 10.89
C LEU A 83 3.23 6.21 9.72
N LEU A 84 1.95 6.16 9.98
CA LEU A 84 0.95 6.06 8.95
C LEU A 84 0.92 7.26 8.08
N GLN A 85 1.08 8.42 8.66
CA GLN A 85 1.07 9.65 7.92
C GLN A 85 2.19 9.72 6.96
N HIS A 86 3.33 9.18 7.33
CA HIS A 86 4.49 9.20 6.48
C HIS A 86 4.43 8.39 5.23
N SER A 87 3.93 7.18 5.32
CA SER A 87 3.97 6.30 4.20
C SER A 87 2.69 5.80 3.69
N TRP A 88 1.59 6.48 3.84
CA TRP A 88 0.37 5.94 3.31
C TRP A 88 0.43 5.83 1.83
N SER A 89 1.04 6.82 1.23
CA SER A 89 1.20 6.87 -0.19
C SER A 89 2.06 5.75 -0.62
N ASP A 90 3.08 5.48 0.14
CA ASP A 90 4.00 4.43 -0.21
C ASP A 90 3.38 3.09 -0.24
N LEU A 92 0.22 2.37 -0.82
CA LEU A 92 -0.75 2.17 -1.85
C LEU A 92 -0.17 1.67 -3.12
N VAL A 93 0.99 2.17 -3.48
CA VAL A 93 1.66 1.75 -4.68
C VAL A 93 2.05 0.30 -4.64
N LEU A 94 2.66 -0.09 -3.55
CA LEU A 94 3.04 -1.44 -3.37
C LEU A 94 1.83 -2.34 -3.35
N ASP A 95 0.79 -1.92 -2.70
CA ASP A 95 -0.38 -2.72 -2.65
C ASP A 95 -0.86 -2.85 -4.05
N HIS A 96 -0.79 -1.78 -4.80
CA HIS A 96 -1.19 -1.86 -6.17
C HIS A 96 -0.23 -2.69 -6.94
N LEU A 97 1.02 -2.61 -6.59
CA LEU A 97 1.97 -3.40 -7.27
C LEU A 97 1.62 -4.81 -7.03
N HIS A 98 1.19 -5.12 -5.83
CA HIS A 98 0.84 -6.47 -5.49
C HIS A 98 -0.32 -7.04 -6.26
N HIS A 99 -1.40 -6.30 -6.36
CA HIS A 99 -2.56 -6.76 -7.06
C HIS A 99 -2.42 -6.87 -8.53
N ARG A 100 -1.70 -5.95 -9.09
CA ARG A 100 -1.54 -5.94 -10.49
C ARG A 100 -0.81 -7.17 -10.87
N ILE A 101 0.17 -7.55 -10.08
CA ILE A 101 0.94 -8.72 -10.40
C ILE A 101 0.37 -10.00 -9.90
N HIS A 102 0.12 -10.08 -8.62
CA HIS A 102 -0.43 -11.27 -8.03
C HIS A 102 -1.83 -11.66 -8.39
N ASN A 103 -2.72 -10.70 -8.49
CA ASN A 103 -4.12 -10.98 -8.65
C ASN A 103 -4.77 -10.60 -9.95
N GLY A 104 -3.97 -10.25 -10.93
CA GLY A 104 -4.46 -9.91 -12.23
C GLY A 104 -5.42 -8.79 -12.39
N LEU A 105 -5.25 -7.77 -11.58
CA LEU A 105 -6.04 -6.57 -11.63
C LEU A 105 -5.69 -5.87 -12.91
N PRO A 106 -6.71 -5.38 -13.59
CA PRO A 106 -6.55 -4.79 -14.89
C PRO A 106 -6.48 -3.30 -14.88
N ASP A 107 -5.98 -2.74 -15.96
CA ASP A 107 -5.81 -1.32 -16.05
C ASP A 107 -7.07 -0.51 -16.03
N GLU A 108 -8.15 -1.04 -16.58
CA GLU A 108 -9.40 -0.32 -16.61
C GLU A 108 -10.54 -1.26 -16.55
N THR A 109 -11.73 -0.76 -16.28
CA THR A 109 -12.90 -1.57 -16.22
C THR A 109 -14.08 -0.78 -16.72
N GLN A 110 -15.08 -1.45 -17.27
CA GLN A 110 -16.27 -0.79 -17.74
C GLN A 110 -17.17 -0.65 -16.55
N LEU A 111 -17.72 0.52 -16.36
CA LEU A 111 -18.46 0.80 -15.17
C LEU A 111 -19.89 0.39 -15.04
N ASN A 112 -20.48 -0.12 -16.11
CA ASN A 112 -21.89 -0.48 -16.08
C ASN A 112 -22.60 0.83 -16.31
N ASN A 113 -21.79 1.87 -16.48
CA ASN A 113 -22.27 3.17 -16.80
C ASN A 113 -21.98 3.40 -18.21
N GLY A 114 -21.14 2.57 -18.77
CA GLY A 114 -20.67 2.83 -20.10
C GLY A 114 -19.53 3.79 -19.92
N GLN A 115 -19.21 4.03 -18.66
CA GLN A 115 -18.12 4.88 -18.31
C GLN A 115 -16.98 3.93 -17.96
N VAL A 116 -15.76 4.40 -18.09
CA VAL A 116 -14.63 3.54 -17.86
C VAL A 116 -13.74 4.06 -16.74
N PHE A 117 -13.41 3.21 -15.79
CA PHE A 117 -12.55 3.62 -14.70
C PHE A 117 -11.15 3.13 -14.87
N ASN A 118 -10.18 4.01 -14.79
CA ASN A 118 -8.81 3.64 -14.92
C ASN A 118 -8.33 3.17 -13.60
N LEU A 119 -8.30 1.87 -13.43
CA LEU A 119 -7.86 1.21 -12.23
C LEU A 119 -6.41 1.46 -12.00
N SER A 121 -4.83 4.02 -12.52
CA SER A 121 -4.69 5.32 -11.91
C SER A 121 -4.53 5.20 -10.44
N LEU A 122 -5.25 4.27 -9.88
CA LEU A 122 -5.29 4.08 -8.48
C LEU A 122 -3.92 3.84 -8.00
N GLY A 123 -3.09 3.26 -8.82
CA GLY A 123 -1.78 2.96 -8.34
C GLY A 123 -0.80 3.98 -8.76
N LEU A 124 -1.23 4.94 -9.54
CA LEU A 124 -0.36 5.98 -9.97
C LEU A 124 -0.73 7.20 -9.24
N LEU A 125 -1.80 7.12 -8.49
CA LEU A 125 -2.28 8.21 -7.72
C LEU A 125 -2.66 9.36 -8.59
N GLY A 126 -3.15 9.06 -9.77
CA GLY A 126 -3.60 10.06 -10.70
C GLY A 126 -2.60 10.65 -11.64
N VAL A 127 -1.36 10.20 -11.57
CA VAL A 127 -0.38 10.71 -12.48
C VAL A 127 -0.13 9.70 -13.56
N PRO A 128 -0.66 9.94 -14.72
CA PRO A 128 -0.61 9.00 -15.82
C PRO A 128 0.79 8.78 -16.29
N GLN A 129 1.58 9.80 -16.13
CA GLN A 129 2.91 9.85 -16.61
C GLN A 129 3.85 8.93 -15.91
N LEU A 130 3.40 8.39 -14.80
CA LEU A 130 4.23 7.51 -14.01
C LEU A 130 4.10 6.09 -14.43
N GLY A 131 3.28 5.83 -15.42
CA GLY A 131 3.06 4.47 -15.80
C GLY A 131 4.29 3.75 -16.24
N ASP A 132 5.15 4.42 -16.94
CA ASP A 132 6.35 3.77 -17.37
C ASP A 132 7.17 3.46 -16.16
N TYR A 133 7.22 4.37 -15.23
CA TYR A 133 7.98 4.10 -14.04
C TYR A 133 7.35 2.99 -13.25
N PHE A 134 6.04 2.99 -13.13
CA PHE A 134 5.40 1.96 -12.37
C PHE A 134 5.68 0.66 -13.01
N ASN A 135 5.65 0.65 -14.32
CA ASN A 135 5.91 -0.58 -15.04
C ASN A 135 7.30 -1.08 -14.90
N GLU A 136 8.23 -0.16 -14.85
CA GLU A 136 9.58 -0.56 -14.74
C GLU A 136 9.73 -1.31 -13.45
N LEU A 137 9.10 -0.83 -12.41
CA LEU A 137 9.14 -1.49 -11.13
C LEU A 137 8.47 -2.83 -11.14
N GLN A 138 7.33 -2.90 -11.79
CA GLN A 138 6.61 -4.14 -11.84
C GLN A 138 7.44 -5.18 -12.49
N ASN A 139 8.15 -4.82 -13.54
CA ASN A 139 9.05 -5.74 -14.18
C ASN A 139 10.21 -6.16 -13.31
N LYS A 140 10.78 -5.22 -12.59
CA LYS A 140 11.91 -5.54 -11.77
C LYS A 140 11.49 -6.51 -10.75
N LEU A 141 10.34 -6.27 -10.17
CA LEU A 141 9.79 -7.10 -9.13
C LEU A 141 9.48 -8.47 -9.57
N GLN A 142 8.91 -8.60 -10.75
CA GLN A 142 8.56 -9.88 -11.32
C GLN A 142 9.76 -10.74 -11.57
N ASP A 143 10.79 -10.16 -12.07
CA ASP A 143 11.98 -10.89 -12.36
C ASP A 143 12.55 -11.41 -11.09
N LEU A 144 12.19 -10.78 -9.99
CA LEU A 144 12.73 -11.15 -8.71
C LEU A 144 11.86 -12.17 -8.08
N LYS A 145 10.83 -12.60 -8.77
CA LYS A 145 9.89 -13.51 -8.23
C LYS A 145 9.17 -12.99 -7.03
N PHE A 146 8.74 -11.75 -7.08
CA PHE A 146 8.07 -11.09 -5.99
C PHE A 146 6.90 -11.95 -5.61
N ASP A 147 6.80 -12.31 -4.35
CA ASP A 147 5.74 -13.18 -3.93
C ASP A 147 4.94 -12.61 -2.81
N GLY A 149 4.82 -13.45 0.17
CA GLY A 149 5.64 -13.30 1.33
C GLY A 149 6.51 -12.08 1.33
N ASP A 150 7.08 -11.78 0.19
CA ASP A 150 7.90 -10.63 0.04
C ASP A 150 7.12 -9.39 0.25
N TYR A 151 5.93 -9.37 -0.29
CA TYR A 151 5.08 -8.22 -0.26
C TYR A 151 4.67 -7.79 1.13
N VAL A 152 4.38 -8.71 2.00
CA VAL A 152 4.04 -8.36 3.36
C VAL A 152 5.18 -7.81 4.17
N CYS A 153 6.36 -8.39 3.98
CA CYS A 153 7.55 -7.95 4.71
C CYS A 153 7.89 -6.53 4.32
N LYS A 155 5.89 -4.28 3.28
CA LYS A 155 4.92 -3.37 3.82
C LYS A 155 5.30 -2.89 5.19
N PHE A 156 5.72 -3.80 6.03
CA PHE A 156 6.20 -3.47 7.32
C PHE A 156 7.45 -2.69 7.24
N LEU A 157 8.27 -3.01 6.27
CA LEU A 157 9.49 -2.32 6.16
C LEU A 157 9.16 -0.92 5.87
N ILE A 158 8.22 -0.71 4.99
CA ILE A 158 7.84 0.63 4.66
C ILE A 158 7.24 1.34 5.82
N LEU A 159 6.30 0.71 6.46
CA LEU A 159 5.62 1.27 7.58
C LEU A 159 6.45 1.48 8.80
N LEU A 160 7.21 0.50 9.17
CA LEU A 160 8.01 0.59 10.36
C LEU A 160 9.31 1.23 10.09
N ASN A 161 9.29 2.50 9.81
CA ASN A 161 10.49 3.23 9.52
C ASN A 161 10.86 4.22 10.62
N PRO A 162 11.93 3.89 11.31
CA PRO A 162 12.43 4.57 12.49
C PRO A 162 12.86 5.98 12.25
N SER A 163 13.40 6.23 11.08
CA SER A 163 13.91 7.54 10.81
C SER A 163 12.76 8.36 10.42
N VAL A 164 11.80 8.52 11.31
CA VAL A 164 10.63 9.25 10.94
C VAL A 164 10.56 10.32 11.96
N ARG A 165 10.33 11.53 11.50
CA ARG A 165 10.41 12.63 12.39
C ARG A 165 9.40 12.61 13.49
N GLY A 166 9.88 12.82 14.69
CA GLY A 166 9.06 12.95 15.86
C GLY A 166 8.61 11.73 16.59
N ILE A 167 9.11 10.58 16.23
CA ILE A 167 8.63 9.41 16.89
C ILE A 167 9.33 9.20 18.18
N VAL A 168 8.56 9.16 19.25
CA VAL A 168 9.07 8.93 20.60
C VAL A 168 9.64 7.57 20.95
N ASN A 169 8.87 6.53 20.73
CA ASN A 169 9.35 5.21 21.06
C ASN A 169 10.11 4.59 19.91
N ARG A 170 11.26 5.15 19.61
CA ARG A 170 12.06 4.74 18.49
C ARG A 170 12.53 3.34 18.52
N LYS A 171 12.78 2.81 19.69
CA LYS A 171 13.36 1.51 19.76
C LYS A 171 12.46 0.47 19.18
N THR A 172 11.20 0.52 19.53
CA THR A 172 10.32 -0.51 19.08
C THR A 172 10.25 -0.53 17.59
N VAL A 173 10.20 0.63 16.99
CA VAL A 173 10.13 0.70 15.56
C VAL A 173 11.36 0.14 14.93
N SER A 174 12.51 0.48 15.48
CA SER A 174 13.73 0.00 14.90
C SER A 174 13.81 -1.49 15.00
N GLU A 175 13.39 -2.02 16.12
CA GLU A 175 13.49 -3.43 16.31
C GLU A 175 12.62 -4.19 15.34
N GLY A 176 11.40 -3.75 15.21
CA GLY A 176 10.51 -4.38 14.29
C GLY A 176 11.00 -4.28 12.89
N HIS A 177 11.49 -3.12 12.52
CA HIS A 177 11.95 -2.99 11.18
C HIS A 177 13.08 -3.95 11.02
N ASP A 178 13.92 -4.02 12.01
CA ASP A 178 15.08 -4.86 11.95
C ASP A 178 14.79 -6.34 11.91
N ASN A 179 13.76 -6.77 12.60
CA ASN A 179 13.33 -8.14 12.53
C ASN A 179 12.82 -8.57 11.22
N VAL A 180 11.97 -7.75 10.67
CA VAL A 180 11.35 -8.02 9.43
C VAL A 180 12.36 -8.11 8.33
N GLN A 181 13.40 -7.30 8.39
CA GLN A 181 14.40 -7.35 7.39
C GLN A 181 15.05 -8.68 7.42
N ALA A 182 15.33 -9.12 8.60
CA ALA A 182 15.96 -10.38 8.80
C ALA A 182 15.08 -11.50 8.36
N ALA A 183 13.81 -11.41 8.69
CA ALA A 183 12.91 -12.45 8.29
C ALA A 183 12.84 -12.52 6.81
N LEU A 184 12.84 -11.36 6.18
CA LEU A 184 12.79 -11.28 4.75
C LEU A 184 14.00 -11.85 4.15
N LEU A 185 15.14 -11.60 4.75
CA LEU A 185 16.35 -12.15 4.24
C LEU A 185 16.32 -13.64 4.31
N ASP A 186 15.87 -14.20 5.40
CA ASP A 186 15.83 -15.61 5.58
C ASP A 186 14.93 -16.23 4.56
N TYR A 187 13.81 -15.62 4.30
CA TYR A 187 12.85 -16.17 3.41
C TYR A 187 13.47 -16.26 2.04
N THR A 188 14.15 -15.22 1.63
CA THR A 188 14.71 -15.24 0.33
C THR A 188 15.72 -16.31 0.22
N LEU A 189 16.55 -16.43 1.21
CA LEU A 189 17.60 -17.42 1.17
C LEU A 189 17.15 -18.86 1.15
N THR A 190 16.27 -19.21 2.05
CA THR A 190 15.70 -20.52 2.09
C THR A 190 14.78 -20.87 0.95
N CYS A 191 13.88 -19.97 0.62
CA CYS A 191 12.89 -20.25 -0.38
C CYS A 191 13.18 -19.80 -1.78
N TYR A 192 14.10 -18.88 -1.99
CA TYR A 192 14.44 -18.51 -3.34
C TYR A 192 15.93 -18.44 -3.54
N PRO A 193 16.60 -19.56 -3.37
CA PRO A 193 18.05 -19.66 -3.46
C PRO A 193 18.58 -19.33 -4.81
N SER A 194 17.79 -19.66 -5.78
CA SER A 194 18.10 -19.48 -7.17
C SER A 194 18.18 -18.04 -7.59
N VAL A 195 17.48 -17.18 -6.90
CA VAL A 195 17.47 -15.80 -7.27
C VAL A 195 18.53 -15.10 -6.49
N ASN A 196 19.56 -14.66 -7.18
CA ASN A 196 20.67 -14.06 -6.50
C ASN A 196 20.49 -12.60 -6.16
N ASP A 197 20.81 -12.27 -4.92
CA ASP A 197 20.67 -10.94 -4.40
C ASP A 197 19.25 -10.49 -4.43
N LYS A 198 18.34 -11.42 -4.24
CA LYS A 198 16.96 -11.08 -4.23
C LYS A 198 16.68 -10.13 -3.10
N PHE A 199 17.34 -10.29 -1.98
CA PHE A 199 17.05 -9.46 -0.86
C PHE A 199 17.34 -8.04 -1.18
N ARG A 200 18.49 -7.79 -1.75
CA ARG A 200 18.83 -6.47 -2.16
C ARG A 200 17.96 -6.00 -3.25
N GLY A 201 17.61 -6.87 -4.16
CA GLY A 201 16.81 -6.45 -5.27
C GLY A 201 15.53 -5.92 -4.76
N LEU A 202 14.90 -6.61 -3.86
CA LEU A 202 13.68 -6.11 -3.27
C LEU A 202 13.84 -4.88 -2.41
N VAL A 203 14.82 -4.88 -1.55
CA VAL A 203 15.03 -3.74 -0.68
C VAL A 203 15.32 -2.50 -1.43
N ASN A 204 15.96 -2.64 -2.57
CA ASN A 204 16.32 -1.51 -3.36
C ASN A 204 15.19 -0.78 -3.99
N ILE A 205 14.09 -1.49 -4.17
CA ILE A 205 12.88 -0.96 -4.74
C ILE A 205 12.19 0.04 -3.87
N LEU A 206 12.31 -0.10 -2.59
CA LEU A 206 11.53 0.72 -1.73
C LEU A 206 11.78 2.18 -1.96
N PRO A 207 13.00 2.53 -2.18
CA PRO A 207 13.37 3.91 -2.42
C PRO A 207 12.76 4.39 -3.68
N GLU A 208 12.73 3.55 -4.69
CA GLU A 208 12.17 3.88 -5.96
C GLU A 208 10.71 4.09 -5.87
N ILE A 209 10.06 3.24 -5.11
CA ILE A 209 8.64 3.33 -4.94
C ILE A 209 8.32 4.62 -4.28
N HIS A 210 9.14 5.03 -3.35
CA HIS A 210 8.90 6.23 -2.61
C HIS A 210 8.92 7.40 -3.53
N ALA A 211 9.82 7.41 -4.47
CA ALA A 211 9.89 8.53 -5.35
C ALA A 211 8.58 8.68 -6.07
N ALA A 213 5.68 7.81 -5.06
CA ALA A 213 4.66 8.23 -4.12
C ALA A 213 4.67 9.69 -3.91
N VAL A 214 5.85 10.25 -3.94
CA VAL A 214 5.98 11.64 -3.73
C VAL A 214 5.34 12.43 -4.83
N ARG A 215 5.55 12.01 -6.04
CA ARG A 215 5.02 12.73 -7.14
C ARG A 215 3.56 12.68 -6.98
N GLY A 216 3.10 11.50 -6.65
CA GLY A 216 1.70 11.22 -6.53
C GLY A 216 1.00 11.98 -5.47
N GLU A 217 1.59 12.06 -4.30
CA GLU A 217 1.00 12.85 -3.24
C GLU A 217 0.94 14.29 -3.62
N ASP A 218 1.98 14.79 -4.23
CA ASP A 218 1.93 16.18 -4.60
C ASP A 218 0.86 16.45 -5.60
N HIS A 219 0.68 15.60 -6.57
CA HIS A 219 -0.35 15.82 -7.54
C HIS A 219 -1.68 15.80 -6.86
N LEU A 220 -1.86 14.86 -5.98
CA LEU A 220 -3.11 14.71 -5.30
C LEU A 220 -3.46 15.89 -4.44
N TYR A 221 -2.46 16.43 -3.77
CA TYR A 221 -2.61 17.65 -3.03
C TYR A 221 -2.87 18.82 -3.92
N THR A 222 -2.17 18.91 -5.02
CA THR A 222 -2.34 20.00 -5.92
C THR A 222 -3.74 20.04 -6.44
N LYS A 223 -4.29 18.88 -6.69
CA LYS A 223 -5.64 18.72 -7.14
C LYS A 223 -6.66 19.11 -6.14
N HIS A 224 -6.39 18.80 -4.89
CA HIS A 224 -7.27 19.18 -3.82
C HIS A 224 -7.33 20.68 -3.63
N CYS A 225 -6.22 21.34 -3.88
CA CYS A 225 -6.16 22.79 -3.75
C CYS A 225 -7.13 23.41 -4.74
N ALA A 226 -7.20 22.80 -5.93
CA ALA A 226 -8.05 23.30 -6.97
C ALA A 226 -9.50 23.13 -6.68
N GLY A 227 -9.83 22.41 -5.64
CA GLY A 227 -11.22 22.20 -5.33
C GLY A 227 -11.81 21.00 -5.99
N SER A 228 -10.95 20.19 -6.55
CA SER A 228 -11.34 18.99 -7.26
C SER A 228 -11.97 17.89 -6.42
N ALA A 229 -11.72 17.86 -5.14
CA ALA A 229 -12.28 16.78 -4.36
C ALA A 229 -12.70 17.22 -2.99
N PRO A 230 -13.50 16.40 -2.35
CA PRO A 230 -14.05 16.71 -1.05
C PRO A 230 -12.96 16.87 -0.08
N THR A 231 -13.15 17.79 0.82
CA THR A 231 -12.14 18.18 1.75
C THR A 231 -12.20 17.49 3.08
N GLN A 232 -13.32 16.88 3.39
CA GLN A 232 -13.58 16.32 4.68
C GLN A 232 -13.08 14.94 4.89
N THR A 233 -12.51 14.37 3.86
CA THR A 233 -12.06 13.01 3.84
C THR A 233 -10.77 12.74 4.56
N LEU A 234 -10.57 11.49 4.90
CA LEU A 234 -9.35 11.03 5.51
C LEU A 234 -8.22 11.22 4.54
N LEU A 235 -8.52 11.08 3.28
CA LEU A 235 -7.54 11.21 2.28
C LEU A 235 -6.95 12.60 2.30
N GLU A 237 -7.01 14.56 4.91
CA GLU A 237 -6.35 14.73 6.16
C GLU A 237 -4.98 14.19 6.07
N LEU A 239 -3.33 13.76 3.33
CA LEU A 239 -2.60 14.55 2.39
C LEU A 239 -2.09 15.79 3.06
N HIS A 240 -2.90 16.33 3.91
CA HIS A 240 -2.66 17.57 4.64
C HIS A 240 -1.55 17.57 5.63
N ALA A 241 -1.38 16.46 6.29
CA ALA A 241 -0.51 16.34 7.42
C ALA A 241 0.85 16.92 7.23
N LYS A 242 1.43 16.73 6.07
CA LYS A 242 2.75 17.21 5.90
C LYS A 242 2.77 18.63 5.40
N ARG A 243 2.11 19.52 6.12
CA ARG A 243 2.05 20.89 5.67
C ARG A 243 1.49 21.88 6.71
N LYS A 244 1.85 23.08 6.78
N SER B 1 -7.36 13.96 13.50
CA SER B 1 -8.36 13.69 14.51
C SER B 1 -9.17 12.51 14.03
N THR B 2 -9.56 12.48 12.78
CA THR B 2 -10.19 11.27 12.27
C THR B 2 -9.21 10.13 12.31
N LEU B 3 -7.97 10.40 11.96
CA LEU B 3 -6.98 9.38 11.96
C LEU B 3 -6.88 8.92 13.36
N ARG B 4 -6.83 9.85 14.27
CA ARG B 4 -6.70 9.53 15.66
C ARG B 4 -7.88 8.74 16.14
N ALA B 5 -9.06 9.10 15.69
CA ALA B 5 -10.20 8.40 16.18
C ALA B 5 -10.13 6.94 15.82
N LEU B 6 -9.74 6.66 14.60
CA LEU B 6 -9.70 5.29 14.14
C LEU B 6 -8.74 4.45 14.91
N LEU B 7 -7.58 5.00 15.20
CA LEU B 7 -6.63 4.19 15.88
C LEU B 7 -6.78 4.41 17.35
N THR B 8 -7.56 5.40 17.72
CA THR B 8 -7.81 5.61 19.12
C THR B 8 -8.84 4.66 19.66
N ASN B 9 -9.40 3.82 18.82
CA ASN B 9 -10.39 2.85 19.27
C ASN B 9 -10.08 1.40 19.00
#